data_3GRS
#
_entry.id   3GRS
#
_cell.length_a   119.800
_cell.length_b   84.500
_cell.length_c   63.200
_cell.angle_alpha   90.00
_cell.angle_beta   90.00
_cell.angle_gamma   58.70
#
_symmetry.space_group_name_H-M   'B 1 1 2'
#
loop_
_entity.id
_entity.type
_entity.pdbx_description
1 polymer 'GLUTATHIONE REDUCTASE'
2 non-polymer 'PHOSPHATE ION'
3 non-polymer 'FLAVIN-ADENINE DINUCLEOTIDE'
4 water water
#
_entity_poly.entity_id   1
_entity_poly.type   'polypeptide(L)'
_entity_poly.pdbx_seq_one_letter_code
;ACRQEPQPQGPPPAAGAVASYDYLVIGGGSGGLASARRAAELGARAAVVESHKLGGTCVNVGCVPKKVMWNTAVHSEFMH
DHADYGFPSCEGKFNWRVIKEKRDAYVSRLNAIYQNNLTKSHIEIIRGHAAFTSDPKPTIEVSGKKYTAPHILIATGGMP
STPHESQIPGASLGITSDGFFQLEELPGRSVIVGAGYIAVEMAGILSALGSKTSLMIRHDKVLRSFDSMISTNCTEELEN
AGVEVLKFSQVKEVKKTLSGLEVSMVTAVPGRLPVMTMIPDVDCLLWAIGRVPNTKDLSLNKLGIQTDDKGHIIVDEFQN
TNVKGIYAVGDVCGKALLTPVAIAAGRKLAHRLFEYKEDSKLDYNNIPTVVFSHPPIGTVGLTEDEAIHKYGIENVKTYS
TSFTPMYHAVTKRKTKCVMKMVCANKEEKVVGIHMQGLGCDEMLQGFAVAVKMGATKADFDNTVAIHPTSSEELVTLR
;
_entity_poly.pdbx_strand_id   A
#
loop_
_chem_comp.id
_chem_comp.type
_chem_comp.name
_chem_comp.formula
FAD non-polymer 'FLAVIN-ADENINE DINUCLEOTIDE' 'C27 H33 N9 O15 P2'
PO4 non-polymer 'PHOSPHATE ION' 'O4 P -3'
#
# COMPACT_ATOMS: atom_id res chain seq x y z
N VAL A 18 -33.56 -7.90 18.50
CA VAL A 18 -32.34 -6.97 18.44
C VAL A 18 -31.25 -7.37 19.46
N ALA A 19 -30.20 -7.98 18.93
CA ALA A 19 -29.10 -8.43 19.77
C ALA A 19 -28.16 -7.29 20.11
N SER A 20 -27.85 -7.19 21.33
CA SER A 20 -27.06 -6.14 21.72
C SER A 20 -25.64 -6.55 22.14
N TYR A 21 -24.61 -5.75 21.72
CA TYR A 21 -23.20 -6.03 22.05
C TYR A 21 -22.59 -4.82 22.65
N ASP A 22 -21.32 -4.93 23.17
CA ASP A 22 -20.61 -3.74 23.66
C ASP A 22 -19.99 -3.02 22.47
N TYR A 23 -19.60 -3.79 21.48
CA TYR A 23 -18.91 -3.22 20.33
C TYR A 23 -19.24 -4.03 19.14
N LEU A 24 -19.68 -3.39 18.06
CA LEU A 24 -19.95 -4.02 16.80
C LEU A 24 -18.97 -3.47 15.80
N VAL A 25 -18.29 -4.35 15.13
CA VAL A 25 -17.24 -3.92 14.17
C VAL A 25 -17.70 -4.37 12.77
N ILE A 26 -17.88 -3.41 11.84
CA ILE A 26 -18.28 -3.75 10.47
C ILE A 26 -17.05 -3.80 9.63
N GLY A 27 -16.67 -5.01 9.26
CA GLY A 27 -15.53 -5.30 8.41
C GLY A 27 -14.50 -6.09 9.17
N GLY A 28 -14.10 -7.26 8.64
CA GLY A 28 -13.11 -8.07 9.33
C GLY A 28 -11.76 -8.04 8.65
N GLY A 29 -11.29 -6.83 8.35
CA GLY A 29 -9.98 -6.70 7.77
C GLY A 29 -9.00 -6.20 8.81
N SER A 30 -7.89 -5.57 8.35
CA SER A 30 -6.84 -5.13 9.23
C SER A 30 -7.31 -4.35 10.42
N GLY A 31 -8.02 -3.29 10.19
CA GLY A 31 -8.38 -2.44 11.31
C GLY A 31 -9.50 -3.00 12.18
N GLY A 32 -10.50 -3.60 11.56
CA GLY A 32 -11.66 -4.19 12.25
C GLY A 32 -11.20 -5.33 13.18
N LEU A 33 -10.47 -6.26 12.68
CA LEU A 33 -9.99 -7.34 13.53
C LEU A 33 -9.11 -6.82 14.68
N ALA A 34 -8.12 -5.91 14.38
CA ALA A 34 -7.24 -5.43 15.43
C ALA A 34 -8.06 -4.76 16.57
N SER A 35 -9.07 -3.93 16.16
CA SER A 35 -9.86 -3.18 17.13
C SER A 35 -10.68 -4.17 17.97
N ALA A 36 -11.33 -5.12 17.28
CA ALA A 36 -12.22 -6.10 17.97
C ALA A 36 -11.42 -6.91 18.97
N ARG A 37 -10.25 -7.37 18.59
CA ARG A 37 -9.40 -8.13 19.50
C ARG A 37 -8.98 -7.36 20.74
N ARG A 38 -8.59 -6.13 20.58
CA ARG A 38 -8.13 -5.40 21.72
C ARG A 38 -9.32 -5.06 22.62
N ALA A 39 -10.43 -4.73 22.03
CA ALA A 39 -11.63 -4.45 22.80
C ALA A 39 -11.99 -5.68 23.65
N ALA A 40 -11.98 -6.86 23.05
CA ALA A 40 -12.33 -8.08 23.77
C ALA A 40 -11.36 -8.31 24.93
N GLU A 41 -10.07 -8.03 24.76
CA GLU A 41 -9.12 -8.16 25.88
C GLU A 41 -9.48 -7.30 27.02
N LEU A 42 -10.12 -6.18 26.73
CA LEU A 42 -10.46 -5.22 27.70
C LEU A 42 -11.87 -5.55 28.36
N GLY A 43 -12.48 -6.66 27.93
CA GLY A 43 -13.74 -7.12 28.54
C GLY A 43 -14.94 -6.83 27.72
N ALA A 44 -14.77 -6.15 26.59
CA ALA A 44 -15.95 -5.89 25.75
C ALA A 44 -16.53 -7.12 25.13
N ARG A 45 -17.82 -7.15 25.05
CA ARG A 45 -18.48 -8.21 24.32
C ARG A 45 -18.64 -7.68 22.90
N ALA A 46 -17.85 -8.23 21.99
CA ALA A 46 -17.76 -7.72 20.61
C ALA A 46 -18.19 -8.74 19.58
N ALA A 47 -18.61 -8.25 18.42
CA ALA A 47 -18.99 -9.08 17.28
C ALA A 47 -18.35 -8.44 16.04
N VAL A 48 -17.90 -9.23 15.09
CA VAL A 48 -17.32 -8.70 13.85
C VAL A 48 -18.25 -9.11 12.73
N VAL A 49 -18.70 -8.17 11.90
CA VAL A 49 -19.50 -8.51 10.74
C VAL A 49 -18.58 -8.60 9.49
N GLU A 50 -18.58 -9.70 8.72
CA GLU A 50 -17.71 -9.81 7.53
C GLU A 50 -18.48 -10.47 6.41
N SER A 51 -18.51 -9.82 5.29
CA SER A 51 -19.27 -10.35 4.21
C SER A 51 -18.45 -11.22 3.34
N HIS A 52 -17.11 -11.15 3.39
CA HIS A 52 -16.27 -12.03 2.53
C HIS A 52 -15.29 -12.85 3.35
N LYS A 53 -14.00 -12.69 3.16
CA LYS A 53 -13.08 -13.47 3.91
C LYS A 53 -12.41 -12.67 5.00
N LEU A 54 -12.19 -13.29 6.13
CA LEU A 54 -11.50 -12.57 7.12
C LEU A 54 -10.06 -12.26 6.70
N GLY A 55 -9.50 -11.18 7.25
CA GLY A 55 -8.15 -10.83 6.89
C GLY A 55 -8.23 -9.67 5.95
N GLY A 56 -9.39 -9.52 5.27
CA GLY A 56 -9.72 -8.36 4.41
C GLY A 56 -8.75 -8.21 3.25
N THR A 57 -8.57 -6.98 2.79
CA THR A 57 -7.71 -6.75 1.61
C THR A 57 -6.23 -7.21 1.77
N CYS A 58 -5.59 -6.89 2.91
CA CYS A 58 -4.20 -7.20 3.07
C CYS A 58 -3.85 -8.70 2.91
N VAL A 59 -4.60 -9.53 3.60
CA VAL A 59 -4.37 -10.94 3.57
C VAL A 59 -4.76 -11.58 2.22
N ASN A 60 -5.95 -11.26 1.70
CA ASN A 60 -6.54 -11.88 0.53
C ASN A 60 -6.03 -11.42 -0.83
N VAL A 61 -5.90 -10.10 -0.97
CA VAL A 61 -5.52 -9.50 -2.25
C VAL A 61 -4.57 -8.29 -2.07
N GLY A 62 -3.70 -8.28 -1.06
CA GLY A 62 -2.88 -7.12 -0.80
C GLY A 62 -1.55 -7.50 -0.35
N CYS A 63 -1.17 -6.98 0.82
CA CYS A 63 0.13 -7.14 1.40
C CYS A 63 0.75 -8.52 1.23
N VAL A 64 0.04 -9.51 1.72
CA VAL A 64 0.57 -10.89 1.78
C VAL A 64 0.85 -11.52 0.40
N PRO A 65 -0.17 -11.72 -0.45
CA PRO A 65 0.10 -12.28 -1.76
C PRO A 65 1.08 -11.42 -2.57
N LYS A 66 1.04 -10.11 -2.42
CA LYS A 66 2.02 -9.25 -3.12
C LYS A 66 3.44 -9.59 -2.69
N LYS A 67 3.68 -9.74 -1.37
CA LYS A 67 5.02 -10.00 -0.85
C LYS A 67 5.56 -11.32 -1.34
N VAL A 68 4.69 -12.31 -1.43
CA VAL A 68 5.10 -13.63 -1.93
C VAL A 68 5.55 -13.48 -3.39
N MET A 69 4.78 -12.72 -4.19
CA MET A 69 5.13 -12.46 -5.57
C MET A 69 6.42 -11.62 -5.66
N TRP A 70 6.62 -10.69 -4.73
CA TRP A 70 7.88 -9.96 -4.71
C TRP A 70 9.07 -10.83 -4.44
N ASN A 71 8.97 -11.77 -3.48
CA ASN A 71 10.03 -12.66 -3.16
C ASN A 71 10.37 -13.50 -4.37
N THR A 72 9.34 -13.80 -5.15
CA THR A 72 9.50 -14.58 -6.37
C THR A 72 10.29 -13.75 -7.41
N ALA A 73 9.89 -12.51 -7.59
CA ALA A 73 10.56 -11.63 -8.55
C ALA A 73 12.00 -11.44 -8.15
N VAL A 74 12.22 -11.30 -6.82
CA VAL A 74 13.59 -11.14 -6.25
C VAL A 74 14.49 -12.34 -6.60
N HIS A 75 13.91 -13.53 -6.59
CA HIS A 75 14.63 -14.76 -7.01
C HIS A 75 15.08 -14.73 -8.48
N SER A 76 14.18 -14.20 -9.32
CA SER A 76 14.41 -14.03 -10.71
C SER A 76 15.66 -13.17 -10.89
N GLU A 77 15.74 -12.05 -10.18
CA GLU A 77 16.91 -11.14 -10.31
C GLU A 77 18.17 -11.70 -9.80
N PHE A 78 18.08 -12.26 -8.66
CA PHE A 78 19.20 -12.83 -8.05
C PHE A 78 19.78 -13.90 -8.96
N MET A 79 18.93 -14.74 -9.59
CA MET A 79 19.29 -15.79 -10.54
C MET A 79 20.09 -15.17 -11.75
N HIS A 80 19.85 -13.86 -12.09
CA HIS A 80 20.67 -13.23 -13.17
C HIS A 80 22.11 -13.12 -12.76
N ASP A 81 22.42 -13.05 -11.46
CA ASP A 81 23.79 -12.86 -10.97
C ASP A 81 24.51 -14.19 -10.67
N HIS A 82 23.85 -15.31 -10.88
CA HIS A 82 24.39 -16.60 -10.52
C HIS A 82 25.75 -16.87 -11.10
N ALA A 83 25.85 -16.66 -12.39
CA ALA A 83 27.09 -16.92 -13.08
C ALA A 83 28.20 -16.02 -12.59
N ASP A 84 27.88 -14.76 -12.32
CA ASP A 84 28.92 -13.83 -11.79
C ASP A 84 29.48 -14.29 -10.45
N TYR A 85 28.67 -15.04 -9.72
CA TYR A 85 29.10 -15.45 -8.42
C TYR A 85 29.78 -16.78 -8.48
N GLY A 86 30.09 -17.30 -9.64
CA GLY A 86 30.83 -18.54 -9.59
C GLY A 86 30.06 -19.77 -9.85
N PHE A 87 28.87 -19.60 -10.15
CA PHE A 87 28.07 -20.75 -10.38
C PHE A 87 27.72 -20.87 -11.84
N PRO A 88 27.08 -21.98 -12.18
CA PRO A 88 26.70 -22.17 -13.55
C PRO A 88 25.39 -21.46 -13.84
N SER A 89 25.33 -20.94 -15.07
CA SER A 89 24.18 -20.20 -15.54
C SER A 89 22.91 -21.03 -15.37
N CYS A 90 21.93 -20.37 -14.75
CA CYS A 90 20.61 -20.93 -14.50
C CYS A 90 19.79 -20.53 -15.77
N GLU A 91 19.16 -21.54 -16.35
CA GLU A 91 18.47 -21.38 -17.60
C GLU A 91 16.93 -21.10 -17.64
N GLY A 92 16.09 -21.13 -16.60
CA GLY A 92 14.88 -20.98 -17.35
C GLY A 92 13.70 -20.24 -16.96
N LYS A 93 12.70 -20.84 -17.61
CA LYS A 93 11.31 -20.43 -17.60
C LYS A 93 10.66 -20.63 -16.20
N PHE A 94 10.11 -19.53 -15.79
CA PHE A 94 9.39 -19.44 -14.57
C PHE A 94 8.00 -20.08 -14.73
N ASN A 95 7.59 -20.80 -13.72
CA ASN A 95 6.30 -21.39 -13.87
C ASN A 95 5.30 -20.74 -12.94
N TRP A 96 4.46 -19.92 -13.49
CA TRP A 96 3.52 -19.14 -12.71
C TRP A 96 2.58 -19.98 -11.85
N ARG A 97 2.06 -21.04 -12.41
CA ARG A 97 1.10 -21.79 -11.62
C ARG A 97 1.57 -22.47 -10.37
N VAL A 98 2.79 -22.81 -10.36
CA VAL A 98 3.38 -23.40 -9.22
C VAL A 98 3.30 -22.49 -8.05
N ILE A 99 3.75 -21.25 -8.25
CA ILE A 99 3.79 -20.31 -7.14
C ILE A 99 2.42 -19.80 -6.88
N LYS A 100 1.61 -19.72 -7.90
CA LYS A 100 0.28 -19.28 -7.62
C LYS A 100 -0.44 -20.20 -6.66
N GLU A 101 -0.31 -21.49 -6.91
CA GLU A 101 -0.97 -22.49 -6.07
C GLU A 101 -0.48 -22.42 -4.63
N LYS A 102 0.84 -22.25 -4.48
CA LYS A 102 1.40 -22.18 -3.13
C LYS A 102 1.01 -20.89 -2.41
N ARG A 103 0.90 -19.81 -3.19
CA ARG A 103 0.52 -18.55 -2.64
C ARG A 103 -0.90 -18.62 -2.13
N ASP A 104 -1.82 -19.19 -2.92
CA ASP A 104 -3.21 -19.35 -2.53
C ASP A 104 -3.36 -20.18 -1.28
N ALA A 105 -2.57 -21.23 -1.21
CA ALA A 105 -2.62 -22.11 0.00
C ALA A 105 -2.21 -21.34 1.23
N TYR A 106 -1.15 -20.52 1.12
CA TYR A 106 -0.70 -19.72 2.24
C TYR A 106 -1.74 -18.77 2.69
N VAL A 107 -2.44 -18.12 1.77
CA VAL A 107 -3.53 -17.23 2.14
C VAL A 107 -4.64 -18.01 2.90
N SER A 108 -4.94 -19.24 2.44
CA SER A 108 -5.94 -20.11 3.08
C SER A 108 -5.54 -20.39 4.50
N ARG A 109 -4.26 -20.66 4.72
CA ARG A 109 -3.72 -20.88 6.06
C ARG A 109 -3.93 -19.66 6.94
N LEU A 110 -3.68 -18.48 6.44
CA LEU A 110 -3.92 -17.29 7.22
C LEU A 110 -5.36 -17.09 7.50
N ASN A 111 -6.23 -17.31 6.56
CA ASN A 111 -7.65 -17.11 6.83
C ASN A 111 -8.06 -17.95 8.05
N ALA A 112 -7.58 -19.19 8.10
CA ALA A 112 -7.95 -20.11 9.17
C ALA A 112 -7.42 -19.65 10.52
N ILE A 113 -6.23 -19.10 10.53
CA ILE A 113 -5.61 -18.56 11.71
C ILE A 113 -6.38 -17.37 12.30
N TYR A 114 -6.81 -16.48 11.42
CA TYR A 114 -7.56 -15.31 11.87
C TYR A 114 -8.86 -15.68 12.47
N GLN A 115 -9.50 -16.64 11.86
CA GLN A 115 -10.74 -17.12 12.37
C GLN A 115 -10.53 -17.70 13.76
N ASN A 116 -9.51 -18.51 13.90
CA ASN A 116 -9.21 -19.08 15.19
C ASN A 116 -8.91 -17.97 16.19
N ASN A 117 -8.18 -16.90 15.77
CA ASN A 117 -7.86 -15.80 16.69
C ASN A 117 -9.12 -15.20 17.25
N LEU A 118 -10.14 -15.09 16.40
CA LEU A 118 -11.37 -14.47 16.83
C LEU A 118 -12.06 -15.36 17.82
N THR A 119 -12.09 -16.65 17.51
CA THR A 119 -12.78 -17.58 18.39
C THR A 119 -12.12 -17.65 19.78
N LYS A 120 -10.82 -17.74 19.82
CA LYS A 120 -10.12 -17.81 21.08
C LYS A 120 -10.38 -16.57 21.95
N SER A 121 -10.75 -15.46 21.30
CA SER A 121 -11.01 -14.22 22.01
C SER A 121 -12.45 -14.11 22.34
N HIS A 122 -13.26 -15.05 21.92
CA HIS A 122 -14.69 -14.99 22.22
C HIS A 122 -15.39 -13.90 21.43
N ILE A 123 -14.88 -13.59 20.26
CA ILE A 123 -15.55 -12.58 19.43
C ILE A 123 -16.46 -13.29 18.51
N GLU A 124 -17.71 -12.86 18.43
CA GLU A 124 -18.68 -13.42 17.55
C GLU A 124 -18.44 -12.95 16.12
N ILE A 125 -18.56 -13.83 15.14
CA ILE A 125 -18.39 -13.49 13.72
C ILE A 125 -19.75 -13.53 13.12
N ILE A 126 -20.23 -12.45 12.56
CA ILE A 126 -21.53 -12.45 11.97
C ILE A 126 -21.23 -12.40 10.50
N ARG A 127 -21.66 -13.37 9.77
CA ARG A 127 -21.30 -13.49 8.38
C ARG A 127 -22.35 -12.82 7.51
N GLY A 128 -21.96 -11.92 6.57
CA GLY A 128 -22.98 -11.26 5.72
C GLY A 128 -22.68 -9.78 5.50
N HIS A 129 -23.52 -9.10 4.75
CA HIS A 129 -23.24 -7.72 4.43
C HIS A 129 -23.98 -6.82 5.36
N ALA A 130 -23.31 -5.93 6.08
CA ALA A 130 -24.05 -5.06 7.02
C ALA A 130 -24.52 -3.74 6.37
N ALA A 131 -25.66 -3.21 6.81
CA ALA A 131 -26.16 -1.90 6.38
C ALA A 131 -26.84 -1.25 7.60
N PHE A 132 -26.77 0.10 7.75
CA PHE A 132 -27.41 0.75 8.84
C PHE A 132 -28.91 0.74 8.61
N THR A 133 -29.66 0.84 9.69
CA THR A 133 -31.08 0.92 9.51
C THR A 133 -31.54 2.34 9.79
N SER A 134 -32.82 2.43 9.49
CA SER A 134 -33.63 3.60 9.60
C SER A 134 -33.85 3.92 11.11
N ASP A 135 -33.66 2.90 11.99
CA ASP A 135 -33.79 3.09 13.46
C ASP A 135 -32.98 4.23 13.98
N PRO A 136 -33.59 4.79 14.99
CA PRO A 136 -33.11 5.91 15.72
C PRO A 136 -31.79 5.60 16.39
N LYS A 137 -31.78 4.71 17.43
CA LYS A 137 -30.46 4.35 17.97
C LYS A 137 -29.76 3.51 16.85
N PRO A 138 -28.50 3.87 16.59
CA PRO A 138 -27.78 3.25 15.50
C PRO A 138 -27.84 1.72 15.59
N THR A 139 -28.36 1.15 14.55
CA THR A 139 -28.62 -0.22 14.45
C THR A 139 -28.29 -0.65 13.04
N ILE A 140 -27.74 -1.89 12.90
CA ILE A 140 -27.45 -2.47 11.60
C ILE A 140 -28.29 -3.72 11.42
N GLU A 141 -28.42 -4.12 10.12
CA GLU A 141 -29.14 -5.30 9.73
C GLU A 141 -28.24 -6.22 8.93
N VAL A 142 -28.18 -7.50 9.23
CA VAL A 142 -27.40 -8.40 8.43
C VAL A 142 -28.23 -9.58 8.20
N SER A 143 -28.63 -9.79 6.94
CA SER A 143 -29.42 -10.96 6.60
C SER A 143 -30.78 -10.97 7.36
N GLY A 144 -31.47 -9.85 7.43
CA GLY A 144 -32.75 -9.82 8.12
C GLY A 144 -32.69 -9.60 9.65
N LYS A 145 -31.56 -9.89 10.32
CA LYS A 145 -31.48 -9.72 11.77
C LYS A 145 -30.86 -8.40 12.10
N LYS A 146 -31.30 -7.84 13.24
CA LYS A 146 -30.83 -6.55 13.72
C LYS A 146 -29.80 -6.70 14.86
N TYR A 147 -28.80 -5.75 14.96
CA TYR A 147 -27.72 -5.82 15.95
C TYR A 147 -27.46 -4.44 16.33
N THR A 148 -27.13 -4.17 17.58
CA THR A 148 -26.91 -2.80 17.99
C THR A 148 -25.82 -2.79 19.03
N ALA A 149 -25.20 -1.62 19.30
CA ALA A 149 -24.15 -1.49 20.31
C ALA A 149 -23.98 -0.04 20.56
N PRO A 150 -23.54 0.31 21.72
CA PRO A 150 -23.34 1.71 21.99
C PRO A 150 -22.12 2.24 21.25
N HIS A 151 -21.27 1.33 20.74
CA HIS A 151 -20.07 1.71 19.98
C HIS A 151 -20.04 0.87 18.74
N ILE A 152 -20.10 1.50 17.56
CA ILE A 152 -20.09 0.78 16.29
C ILE A 152 -18.90 1.30 15.45
N LEU A 153 -18.00 0.41 15.03
CA LEU A 153 -16.83 0.81 14.25
C LEU A 153 -17.06 0.42 12.77
N ILE A 154 -16.93 1.37 11.83
CA ILE A 154 -17.06 1.02 10.44
C ILE A 154 -15.65 0.86 9.94
N ALA A 155 -15.26 -0.32 9.46
CA ALA A 155 -13.89 -0.51 8.96
C ALA A 155 -14.00 -1.33 7.71
N THR A 156 -14.76 -0.87 6.77
CA THR A 156 -15.10 -1.58 5.56
C THR A 156 -14.07 -1.45 4.43
N GLY A 157 -13.00 -0.74 4.62
CA GLY A 157 -11.89 -0.66 3.66
C GLY A 157 -12.33 0.01 2.33
N GLY A 158 -11.64 -0.36 1.26
CA GLY A 158 -11.86 0.20 -0.06
C GLY A 158 -11.80 -0.85 -1.14
N MET A 159 -11.64 -0.42 -2.40
CA MET A 159 -11.66 -1.24 -3.57
C MET A 159 -10.89 -0.50 -4.65
N PRO A 160 -10.56 -1.24 -5.65
CA PRO A 160 -9.83 -0.62 -6.70
C PRO A 160 -10.77 0.23 -7.52
N SER A 161 -10.21 1.30 -7.96
CA SER A 161 -10.97 2.16 -8.80
C SER A 161 -10.79 1.74 -10.31
N THR A 162 -11.87 1.77 -11.11
CA THR A 162 -11.77 1.51 -12.56
C THR A 162 -12.46 2.70 -13.32
N PRO A 163 -12.02 2.96 -14.55
CA PRO A 163 -12.63 3.99 -15.34
C PRO A 163 -13.96 3.51 -15.82
N HIS A 164 -14.83 4.50 -16.04
CA HIS A 164 -16.16 4.34 -16.63
C HIS A 164 -15.97 4.20 -18.13
N GLU A 165 -16.74 3.27 -18.68
CA GLU A 165 -16.83 3.05 -20.08
C GLU A 165 -17.23 4.36 -20.74
N SER A 166 -17.98 5.21 -20.05
CA SER A 166 -18.35 6.46 -20.70
C SER A 166 -17.13 7.33 -21.06
N GLN A 167 -16.06 7.33 -20.17
CA GLN A 167 -14.85 8.15 -20.41
C GLN A 167 -13.78 7.38 -21.18
N ILE A 168 -13.68 6.08 -20.96
CA ILE A 168 -12.71 5.27 -21.65
C ILE A 168 -13.39 4.06 -22.07
N PRO A 169 -13.75 4.06 -23.32
CA PRO A 169 -14.48 2.94 -23.83
C PRO A 169 -13.60 1.66 -23.86
N GLY A 170 -14.19 0.54 -23.43
CA GLY A 170 -13.50 -0.73 -23.33
C GLY A 170 -12.66 -0.80 -22.03
N ALA A 171 -12.84 0.09 -21.08
CA ALA A 171 -12.04 0.08 -19.85
C ALA A 171 -12.22 -1.24 -19.11
N SER A 172 -13.45 -1.76 -19.22
CA SER A 172 -13.83 -3.00 -18.52
C SER A 172 -13.09 -4.24 -19.03
N LEU A 173 -12.30 -4.13 -20.11
CA LEU A 173 -11.50 -5.21 -20.61
C LEU A 173 -10.18 -5.31 -19.75
N GLY A 174 -9.92 -4.28 -18.93
CA GLY A 174 -8.74 -4.27 -18.12
C GLY A 174 -9.08 -4.91 -16.78
N ILE A 175 -8.05 -5.28 -16.04
CA ILE A 175 -8.26 -5.84 -14.69
C ILE A 175 -7.70 -4.89 -13.66
N THR A 176 -7.89 -5.18 -12.37
CA THR A 176 -7.33 -4.38 -11.28
C THR A 176 -6.39 -5.27 -10.50
N SER A 177 -5.78 -4.73 -9.39
CA SER A 177 -4.87 -5.51 -8.57
C SER A 177 -5.61 -6.79 -8.08
N ASP A 178 -6.95 -6.74 -7.91
CA ASP A 178 -7.70 -7.93 -7.49
C ASP A 178 -7.59 -9.03 -8.54
N GLY A 179 -7.77 -8.62 -9.80
CA GLY A 179 -7.69 -9.53 -10.91
C GLY A 179 -6.28 -10.06 -11.06
N PHE A 180 -5.28 -9.29 -10.68
CA PHE A 180 -3.89 -9.73 -10.77
C PHE A 180 -3.69 -11.05 -9.95
N PHE A 181 -4.37 -11.13 -8.80
CA PHE A 181 -4.27 -12.27 -7.88
C PHE A 181 -5.07 -13.45 -8.31
N GLN A 182 -5.82 -13.27 -9.38
CA GLN A 182 -6.59 -14.37 -9.94
C GLN A 182 -5.91 -14.91 -11.18
N LEU A 183 -4.90 -14.22 -11.69
CA LEU A 183 -4.29 -14.69 -12.93
C LEU A 183 -3.70 -16.08 -12.72
N GLU A 184 -3.81 -16.97 -13.74
CA GLU A 184 -3.17 -18.30 -13.62
C GLU A 184 -2.01 -18.51 -14.50
N GLU A 185 -1.72 -17.58 -15.40
CA GLU A 185 -0.54 -17.73 -16.26
C GLU A 185 0.12 -16.40 -16.34
N LEU A 186 1.38 -16.40 -16.61
CA LEU A 186 2.13 -15.15 -16.76
C LEU A 186 1.73 -14.50 -18.10
N PRO A 187 1.15 -13.28 -18.08
CA PRO A 187 0.74 -12.60 -19.34
C PRO A 187 1.98 -12.28 -20.16
N GLY A 188 1.90 -12.46 -21.50
CA GLY A 188 3.07 -12.21 -22.32
C GLY A 188 3.39 -10.71 -22.42
N ARG A 189 2.37 -9.91 -22.54
CA ARG A 189 2.51 -8.49 -22.76
C ARG A 189 1.58 -7.82 -21.81
N SER A 190 2.14 -6.97 -21.00
CA SER A 190 1.30 -6.33 -20.00
C SER A 190 1.52 -4.80 -19.99
N VAL A 191 0.41 -4.06 -19.78
CA VAL A 191 0.43 -2.63 -19.68
C VAL A 191 -0.22 -2.27 -18.39
N ILE A 192 0.52 -1.55 -17.56
CA ILE A 192 -0.03 -1.11 -16.29
C ILE A 192 -0.23 0.39 -16.32
N VAL A 193 -1.39 0.84 -15.92
CA VAL A 193 -1.73 2.24 -15.93
C VAL A 193 -1.76 2.81 -14.50
N GLY A 194 -0.87 3.78 -14.21
CA GLY A 194 -0.82 4.43 -12.89
C GLY A 194 0.58 4.63 -12.50
N ALA A 195 0.79 5.53 -11.54
CA ALA A 195 2.11 5.88 -11.16
C ALA A 195 2.36 5.84 -9.65
N GLY A 196 1.40 5.23 -8.91
CA GLY A 196 1.44 5.10 -7.44
C GLY A 196 2.17 3.80 -7.08
N TYR A 197 2.32 3.55 -5.79
CA TYR A 197 3.07 2.38 -5.36
C TYR A 197 2.54 1.04 -5.92
N ILE A 198 1.24 0.86 -6.01
CA ILE A 198 0.69 -0.37 -6.46
C ILE A 198 1.10 -0.64 -7.89
N ALA A 199 1.01 0.45 -8.72
CA ALA A 199 1.43 0.40 -10.13
C ALA A 199 2.87 0.01 -10.21
N VAL A 200 3.71 0.68 -9.48
CA VAL A 200 5.13 0.44 -9.47
C VAL A 200 5.43 -1.03 -9.09
N GLU A 201 4.75 -1.50 -8.04
CA GLU A 201 5.04 -2.87 -7.57
C GLU A 201 4.60 -3.89 -8.61
N MET A 202 3.44 -3.74 -9.16
CA MET A 202 2.97 -4.66 -10.14
C MET A 202 3.85 -4.70 -11.34
N ALA A 203 4.22 -3.54 -11.83
CA ALA A 203 5.11 -3.51 -12.98
C ALA A 203 6.42 -4.23 -12.71
N GLY A 204 7.02 -4.04 -11.50
CA GLY A 204 8.30 -4.63 -11.13
C GLY A 204 8.25 -6.17 -11.05
N ILE A 205 7.12 -6.70 -10.55
CA ILE A 205 6.89 -8.13 -10.45
C ILE A 205 6.71 -8.75 -11.82
N LEU A 206 5.82 -8.16 -12.65
CA LEU A 206 5.52 -8.69 -14.00
C LEU A 206 6.78 -8.72 -14.88
N SER A 207 7.48 -7.62 -14.84
CA SER A 207 8.70 -7.47 -15.60
C SER A 207 9.81 -8.47 -15.20
N ALA A 208 10.07 -8.62 -13.88
CA ALA A 208 11.11 -9.52 -13.38
C ALA A 208 10.80 -10.99 -13.72
N LEU A 209 9.51 -11.33 -13.76
CA LEU A 209 9.09 -12.67 -14.05
C LEU A 209 9.01 -12.94 -15.52
N GLY A 210 9.27 -11.91 -16.36
CA GLY A 210 9.33 -12.12 -17.79
C GLY A 210 8.23 -11.55 -18.68
N SER A 211 7.23 -10.82 -18.15
CA SER A 211 6.23 -10.24 -19.02
C SER A 211 6.90 -9.02 -19.69
N LYS A 212 6.54 -8.75 -20.96
CA LYS A 212 7.06 -7.57 -21.60
C LYS A 212 6.15 -6.46 -21.12
N THR A 213 6.66 -5.68 -20.22
CA THR A 213 5.87 -4.72 -19.50
C THR A 213 6.10 -3.26 -19.80
N SER A 214 4.98 -2.53 -19.87
CA SER A 214 4.94 -1.06 -20.01
C SER A 214 4.18 -0.48 -18.82
N LEU A 215 4.65 0.63 -18.32
CA LEU A 215 3.98 1.38 -17.23
C LEU A 215 3.62 2.73 -17.83
N MET A 216 2.37 3.02 -17.84
CA MET A 216 1.87 4.23 -18.43
C MET A 216 1.48 5.27 -17.36
N ILE A 217 2.23 6.40 -17.34
CA ILE A 217 2.08 7.43 -16.31
C ILE A 217 1.67 8.78 -16.93
N ARG A 218 0.95 9.60 -16.20
CA ARG A 218 0.49 10.85 -16.75
C ARG A 218 1.53 11.94 -16.82
N HIS A 219 2.62 11.85 -16.06
CA HIS A 219 3.68 12.84 -16.05
C HIS A 219 4.94 12.21 -16.45
N ASP A 220 6.06 12.64 -15.90
CA ASP A 220 7.31 12.10 -16.33
C ASP A 220 7.99 11.17 -15.31
N LYS A 221 7.44 11.11 -14.10
CA LYS A 221 8.01 10.33 -13.00
C LYS A 221 6.92 9.59 -12.26
N VAL A 222 7.31 8.47 -11.62
CA VAL A 222 6.38 7.69 -10.75
C VAL A 222 6.54 8.23 -9.30
N LEU A 223 5.62 7.86 -8.43
CA LEU A 223 5.69 8.23 -7.04
C LEU A 223 5.93 9.70 -6.85
N ARG A 224 5.16 10.48 -7.55
CA ARG A 224 5.32 11.92 -7.50
C ARG A 224 5.12 12.57 -6.12
N SER A 225 4.42 11.88 -5.19
CA SER A 225 4.22 12.42 -3.82
C SER A 225 5.37 12.10 -2.84
N PHE A 226 6.36 11.28 -3.29
CA PHE A 226 7.55 10.95 -2.49
C PHE A 226 8.60 12.01 -2.67
N ASP A 227 9.64 11.93 -1.93
CA ASP A 227 10.68 12.89 -2.07
C ASP A 227 11.18 12.85 -3.49
N SER A 228 11.48 13.96 -4.06
CA SER A 228 11.87 13.93 -5.47
C SER A 228 13.14 13.11 -5.78
N MET A 229 14.04 12.87 -4.81
CA MET A 229 15.18 11.99 -5.07
C MET A 229 14.69 10.60 -5.35
N ILE A 230 13.65 10.21 -4.61
CA ILE A 230 13.06 8.88 -4.78
C ILE A 230 12.26 8.78 -6.10
N SER A 231 11.42 9.76 -6.42
CA SER A 231 10.70 9.61 -7.64
C SER A 231 11.58 9.55 -8.84
N THR A 232 12.67 10.33 -8.85
CA THR A 232 13.65 10.28 -9.95
C THR A 232 14.37 8.95 -10.02
N ASN A 233 14.90 8.55 -8.89
CA ASN A 233 15.66 7.31 -8.84
C ASN A 233 14.79 6.12 -9.20
N CYS A 234 13.57 6.11 -8.68
CA CYS A 234 12.71 4.98 -8.91
C CYS A 234 12.36 4.83 -10.39
N THR A 235 12.14 5.94 -11.06
CA THR A 235 11.80 5.93 -12.48
C THR A 235 12.97 5.40 -13.26
N GLU A 236 14.17 5.82 -12.90
CA GLU A 236 15.33 5.32 -13.57
C GLU A 236 15.53 3.83 -13.42
N GLU A 237 15.34 3.35 -12.14
CA GLU A 237 15.55 1.94 -11.83
C GLU A 237 14.60 1.07 -12.58
N LEU A 238 13.40 1.53 -12.75
CA LEU A 238 12.43 0.80 -13.53
C LEU A 238 12.94 0.65 -14.96
N GLU A 239 13.44 1.77 -15.56
CA GLU A 239 13.90 1.70 -16.95
C GLU A 239 15.00 0.77 -17.08
N ASN A 240 15.90 0.88 -16.16
CA ASN A 240 17.05 0.01 -16.12
C ASN A 240 16.71 -1.41 -15.96
N ALA A 241 15.60 -1.74 -15.31
CA ALA A 241 15.20 -3.15 -15.11
C ALA A 241 14.38 -3.66 -16.30
N GLY A 242 14.24 -2.89 -17.40
CA GLY A 242 13.49 -3.36 -18.60
C GLY A 242 12.01 -2.97 -18.64
N VAL A 243 11.55 -2.13 -17.69
CA VAL A 243 10.17 -1.67 -17.76
C VAL A 243 10.09 -0.46 -18.72
N GLU A 244 9.22 -0.49 -19.67
CA GLU A 244 9.05 0.66 -20.55
C GLU A 244 8.11 1.68 -19.90
N VAL A 245 8.60 2.84 -19.49
CA VAL A 245 7.75 3.85 -18.87
C VAL A 245 7.31 4.76 -19.95
N LEU A 246 6.02 4.78 -20.20
CA LEU A 246 5.39 5.64 -21.18
C LEU A 246 5.00 6.94 -20.49
N LYS A 247 5.78 8.04 -20.67
CA LYS A 247 5.50 9.31 -20.00
C LYS A 247 4.42 10.18 -20.67
N PHE A 248 3.74 11.04 -19.88
CA PHE A 248 2.70 11.92 -20.36
C PHE A 248 1.73 11.21 -21.22
N SER A 249 1.35 10.00 -20.84
CA SER A 249 0.47 9.22 -21.68
C SER A 249 -0.77 8.80 -20.92
N GLN A 250 -1.88 8.59 -21.63
CA GLN A 250 -3.12 8.09 -21.02
C GLN A 250 -3.88 7.31 -22.01
N VAL A 251 -4.71 6.47 -21.51
CA VAL A 251 -5.45 5.61 -22.37
C VAL A 251 -6.71 6.31 -22.90
N LYS A 252 -6.95 6.12 -24.18
CA LYS A 252 -8.06 6.74 -24.79
C LYS A 252 -9.12 5.73 -25.09
N GLU A 253 -8.71 4.52 -25.41
CA GLU A 253 -9.69 3.50 -25.68
C GLU A 253 -9.06 2.15 -25.66
N VAL A 254 -9.87 1.17 -25.33
CA VAL A 254 -9.39 -0.21 -25.31
C VAL A 254 -10.28 -1.07 -26.14
N LYS A 255 -9.70 -1.96 -26.91
CA LYS A 255 -10.53 -2.85 -27.67
C LYS A 255 -9.94 -4.27 -27.82
N LYS A 256 -10.85 -5.24 -27.87
CA LYS A 256 -10.57 -6.67 -27.91
C LYS A 256 -10.32 -7.06 -29.34
N THR A 257 -9.11 -7.40 -29.69
CA THR A 257 -8.77 -7.76 -31.04
C THR A 257 -8.78 -9.23 -31.10
N LEU A 258 -8.29 -9.71 -32.24
CA LEU A 258 -8.25 -11.14 -32.57
C LEU A 258 -7.36 -11.92 -31.60
N SER A 259 -6.33 -11.20 -31.15
CA SER A 259 -5.38 -11.79 -30.27
C SER A 259 -4.89 -10.82 -29.19
N GLY A 260 -5.83 -10.66 -28.25
CA GLY A 260 -5.63 -9.86 -27.08
C GLY A 260 -6.26 -8.48 -27.19
N LEU A 261 -5.62 -7.54 -26.56
CA LEU A 261 -6.18 -6.24 -26.52
C LEU A 261 -5.33 -5.28 -27.33
N GLU A 262 -6.00 -4.17 -27.74
CA GLU A 262 -5.33 -3.07 -28.44
C GLU A 262 -5.61 -1.80 -27.69
N VAL A 263 -4.54 -1.16 -27.21
CA VAL A 263 -4.68 0.02 -26.38
C VAL A 263 -4.35 1.25 -27.18
N SER A 264 -5.29 2.16 -27.19
CA SER A 264 -5.10 3.41 -27.88
C SER A 264 -4.64 4.39 -26.90
N MET A 265 -3.52 5.00 -27.16
CA MET A 265 -3.13 5.98 -26.19
C MET A 265 -2.75 7.32 -26.80
N VAL A 266 -2.89 8.38 -25.96
CA VAL A 266 -2.48 9.73 -26.32
C VAL A 266 -1.25 10.10 -25.49
N THR A 267 -0.14 10.52 -26.14
CA THR A 267 1.07 10.97 -25.48
C THR A 267 1.14 12.48 -25.71
N ALA A 268 1.23 13.27 -24.63
CA ALA A 268 1.22 14.71 -24.77
C ALA A 268 2.34 15.31 -23.97
N VAL A 269 3.58 15.23 -24.51
CA VAL A 269 4.75 15.83 -23.92
C VAL A 269 4.57 17.33 -23.98
N PRO A 270 4.90 18.03 -22.92
CA PRO A 270 4.68 19.44 -22.99
C PRO A 270 5.79 20.01 -23.88
N GLY A 271 5.31 20.89 -24.78
CA GLY A 271 6.16 21.52 -25.80
C GLY A 271 6.13 20.69 -27.07
N ARG A 272 5.09 19.95 -27.21
CA ARG A 272 5.10 19.10 -28.33
C ARG A 272 3.74 18.88 -28.75
N LEU A 273 3.57 18.36 -29.96
CA LEU A 273 2.20 18.06 -30.34
C LEU A 273 1.79 16.65 -29.79
N PRO A 274 0.51 16.51 -29.45
CA PRO A 274 0.02 15.21 -29.01
C PRO A 274 0.14 14.17 -30.13
N VAL A 275 0.34 12.94 -29.74
CA VAL A 275 0.47 11.93 -30.70
C VAL A 275 -0.28 10.71 -30.20
N MET A 276 -1.07 10.09 -31.04
CA MET A 276 -1.87 8.94 -30.69
C MET A 276 -1.15 7.72 -31.18
N THR A 277 -1.07 6.66 -30.35
CA THR A 277 -0.34 5.38 -30.63
C THR A 277 -1.25 4.23 -30.28
N MET A 278 -1.15 3.15 -31.02
CA MET A 278 -1.93 1.98 -30.69
C MET A 278 -0.98 1.04 -30.09
N ILE A 279 -1.37 0.34 -28.99
CA ILE A 279 -0.52 -0.73 -28.42
C ILE A 279 -1.30 -2.01 -28.63
N PRO A 280 -0.68 -2.89 -29.44
CA PRO A 280 -1.29 -4.13 -29.90
C PRO A 280 -0.82 -5.34 -29.14
N ASP A 281 -1.64 -6.40 -29.25
CA ASP A 281 -1.27 -7.69 -28.71
C ASP A 281 -1.04 -7.64 -27.22
N VAL A 282 -1.88 -6.88 -26.54
CA VAL A 282 -1.76 -6.79 -25.09
C VAL A 282 -2.57 -7.92 -24.39
N ASP A 283 -1.90 -8.66 -23.50
CA ASP A 283 -2.52 -9.75 -22.81
C ASP A 283 -3.23 -9.26 -21.55
N CYS A 284 -2.56 -8.37 -20.88
CA CYS A 284 -3.05 -7.91 -19.62
C CYS A 284 -3.02 -6.35 -19.52
N LEU A 285 -4.17 -5.72 -19.31
CA LEU A 285 -4.22 -4.28 -19.09
C LEU A 285 -4.64 -4.15 -17.63
N LEU A 286 -3.78 -3.55 -16.82
CA LEU A 286 -4.00 -3.47 -15.40
C LEU A 286 -4.15 -2.03 -14.97
N TRP A 287 -5.34 -1.68 -14.49
CA TRP A 287 -5.65 -0.34 -13.99
C TRP A 287 -5.14 -0.23 -12.55
N ALA A 288 -4.21 0.68 -12.26
CA ALA A 288 -3.71 0.90 -10.90
C ALA A 288 -3.74 2.41 -10.67
N ILE A 289 -4.95 2.90 -10.85
CA ILE A 289 -5.20 4.31 -10.81
C ILE A 289 -5.68 4.86 -9.51
N GLY A 290 -6.16 4.03 -8.58
CA GLY A 290 -6.59 4.56 -7.28
C GLY A 290 -7.46 3.54 -6.58
N ARG A 291 -7.97 3.96 -5.40
CA ARG A 291 -8.87 3.12 -4.62
C ARG A 291 -10.04 3.94 -4.21
N VAL A 292 -11.17 3.31 -4.15
CA VAL A 292 -12.37 3.99 -3.78
C VAL A 292 -12.85 3.38 -2.43
N PRO A 293 -13.51 4.18 -1.54
CA PRO A 293 -13.94 3.61 -0.23
C PRO A 293 -15.17 2.77 -0.41
N ASN A 294 -15.29 1.77 0.44
CA ASN A 294 -16.42 0.87 0.34
C ASN A 294 -17.53 1.38 1.31
N THR A 295 -18.36 2.34 0.89
CA THR A 295 -19.37 2.94 1.77
C THR A 295 -20.74 3.05 1.11
N LYS A 296 -20.69 2.86 -0.13
CA LYS A 296 -21.79 2.96 -1.01
C LYS A 296 -22.99 2.12 -0.56
N ASP A 297 -22.77 0.88 -0.08
CA ASP A 297 -23.93 0.06 0.27
C ASP A 297 -24.25 -0.03 1.77
N LEU A 298 -23.73 0.89 2.53
CA LEU A 298 -23.87 0.90 4.00
C LEU A 298 -25.16 1.63 4.51
N SER A 299 -25.82 2.37 3.65
CA SER A 299 -26.97 3.19 4.07
C SER A 299 -26.62 4.23 5.07
N LEU A 300 -25.46 4.81 4.88
CA LEU A 300 -24.96 5.85 5.81
C LEU A 300 -25.91 6.99 5.96
N ASN A 301 -26.53 7.30 4.88
CA ASN A 301 -27.38 8.43 4.84
C ASN A 301 -28.58 8.27 5.72
N LYS A 302 -28.90 7.03 6.18
CA LYS A 302 -30.05 6.84 7.11
C LYS A 302 -29.71 7.38 8.48
N LEU A 303 -28.41 7.57 8.74
CA LEU A 303 -27.95 8.13 10.02
C LEU A 303 -27.35 9.54 9.81
N GLY A 304 -27.24 9.93 8.53
CA GLY A 304 -26.66 11.22 8.20
C GLY A 304 -25.19 11.25 8.52
N ILE A 305 -24.51 10.14 8.40
CA ILE A 305 -23.06 10.12 8.68
C ILE A 305 -22.35 10.87 7.53
N GLN A 306 -21.45 11.79 7.83
CA GLN A 306 -20.77 12.60 6.79
C GLN A 306 -19.70 11.84 6.03
N THR A 307 -19.70 12.06 4.70
CA THR A 307 -18.68 11.55 3.83
C THR A 307 -18.18 12.73 3.01
N ASP A 308 -17.08 12.55 2.32
CA ASP A 308 -16.59 13.58 1.42
C ASP A 308 -17.15 13.23 0.07
N ASP A 309 -16.71 13.92 -0.95
CA ASP A 309 -17.30 13.59 -2.22
C ASP A 309 -16.80 12.33 -2.84
N LYS A 310 -15.72 11.70 -2.34
CA LYS A 310 -15.36 10.38 -2.93
C LYS A 310 -16.08 9.29 -2.18
N GLY A 311 -16.79 9.58 -1.10
CA GLY A 311 -17.41 8.49 -0.39
C GLY A 311 -16.62 8.17 0.87
N HIS A 312 -15.55 8.92 1.18
CA HIS A 312 -14.79 8.61 2.42
C HIS A 312 -15.59 9.02 3.64
N ILE A 313 -15.49 8.28 4.75
CA ILE A 313 -16.15 8.71 5.95
C ILE A 313 -15.24 9.72 6.62
N ILE A 314 -15.83 10.83 7.06
CA ILE A 314 -15.04 11.87 7.68
C ILE A 314 -14.97 11.57 9.19
N VAL A 315 -13.80 11.73 9.80
CA VAL A 315 -13.62 11.49 11.24
C VAL A 315 -12.75 12.59 11.77
N ASP A 316 -12.72 12.69 13.06
CA ASP A 316 -11.86 13.59 13.77
C ASP A 316 -10.60 12.86 14.16
N GLU A 317 -9.76 13.46 15.01
CA GLU A 317 -8.46 12.91 15.39
C GLU A 317 -8.58 11.63 16.25
N PHE A 318 -9.77 11.43 16.79
CA PHE A 318 -10.03 10.27 17.62
C PHE A 318 -10.83 9.24 16.88
N GLN A 319 -11.00 9.39 15.57
CA GLN A 319 -11.77 8.43 14.74
C GLN A 319 -13.24 8.51 14.90
N ASN A 320 -13.70 9.62 15.52
CA ASN A 320 -15.11 9.77 15.62
C ASN A 320 -15.73 10.28 14.31
N THR A 321 -16.93 9.80 13.99
CA THR A 321 -17.69 10.30 12.84
C THR A 321 -18.47 11.44 13.41
N ASN A 322 -19.38 11.98 12.66
CA ASN A 322 -20.14 13.12 13.19
C ASN A 322 -21.31 12.66 14.11
N VAL A 323 -21.55 11.34 14.12
CA VAL A 323 -22.62 10.74 14.89
C VAL A 323 -22.03 10.06 16.14
N LYS A 324 -22.59 10.37 17.32
CA LYS A 324 -22.15 9.76 18.58
C LYS A 324 -22.27 8.23 18.57
N GLY A 325 -21.15 7.57 19.02
CA GLY A 325 -21.06 6.12 19.11
C GLY A 325 -20.80 5.41 17.77
N ILE A 326 -20.42 6.18 16.70
CA ILE A 326 -20.06 5.65 15.39
C ILE A 326 -18.68 6.14 15.04
N TYR A 327 -17.77 5.20 14.80
CA TYR A 327 -16.36 5.50 14.52
C TYR A 327 -16.00 4.88 13.18
N ALA A 328 -14.87 5.28 12.66
CA ALA A 328 -14.39 4.73 11.40
C ALA A 328 -12.86 4.74 11.46
N VAL A 329 -12.23 3.66 10.96
CA VAL A 329 -10.79 3.55 10.88
C VAL A 329 -10.41 2.90 9.57
N GLY A 330 -9.13 3.09 9.19
CA GLY A 330 -8.61 2.41 8.02
C GLY A 330 -8.90 3.07 6.67
N ASP A 331 -8.81 2.25 5.64
CA ASP A 331 -8.93 2.73 4.29
C ASP A 331 -10.19 3.51 4.00
N VAL A 332 -11.27 3.20 4.66
CA VAL A 332 -12.53 3.86 4.34
C VAL A 332 -12.48 5.34 4.61
N CYS A 333 -11.51 5.77 5.44
CA CYS A 333 -11.31 7.15 5.86
C CYS A 333 -10.47 7.86 4.90
N GLY A 334 -9.80 7.13 4.06
CA GLY A 334 -9.02 7.75 2.98
C GLY A 334 -7.68 8.35 3.34
N LYS A 335 -7.20 8.19 4.56
CA LYS A 335 -5.89 8.67 4.88
C LYS A 335 -4.90 7.61 5.32
N ALA A 336 -3.69 7.69 4.78
CA ALA A 336 -2.62 6.74 5.07
C ALA A 336 -3.13 5.30 4.91
N LEU A 337 -3.33 4.87 3.64
CA LEU A 337 -3.90 3.58 3.24
C LEU A 337 -2.89 2.42 3.38
N LEU A 338 -2.66 2.03 4.66
CA LEU A 338 -1.70 1.01 5.03
C LEU A 338 -2.28 0.17 6.16
N THR A 339 -1.94 -1.11 6.14
CA THR A 339 -2.42 -2.08 7.14
C THR A 339 -2.01 -1.71 8.54
N PRO A 340 -0.76 -1.37 8.78
CA PRO A 340 -0.39 -1.05 10.11
C PRO A 340 -1.07 0.22 10.68
N VAL A 341 -1.48 1.18 9.84
CA VAL A 341 -2.15 2.40 10.31
C VAL A 341 -3.56 2.03 10.78
N ALA A 342 -4.26 1.19 10.02
CA ALA A 342 -5.58 0.69 10.36
C ALA A 342 -5.50 -0.07 11.68
N ILE A 343 -4.48 -0.92 11.80
CA ILE A 343 -4.28 -1.66 13.05
C ILE A 343 -4.06 -0.70 14.24
N ALA A 344 -3.09 0.19 14.14
CA ALA A 344 -2.75 1.10 15.23
C ALA A 344 -3.94 1.99 15.58
N ALA A 345 -4.64 2.51 14.58
CA ALA A 345 -5.80 3.37 14.84
C ALA A 345 -6.92 2.54 15.56
N GLY A 346 -7.15 1.27 15.13
CA GLY A 346 -8.19 0.43 15.73
C GLY A 346 -7.83 0.10 17.16
N ARG A 347 -6.54 -0.09 17.45
CA ARG A 347 -6.09 -0.42 18.82
C ARG A 347 -6.20 0.72 19.72
N LYS A 348 -5.74 1.89 19.30
CA LYS A 348 -5.85 3.08 20.12
C LYS A 348 -7.31 3.40 20.47
N LEU A 349 -8.20 3.13 19.51
CA LEU A 349 -9.61 3.42 19.64
C LEU A 349 -10.18 2.48 20.70
N ALA A 350 -9.81 1.23 20.63
CA ALA A 350 -10.30 0.28 21.69
C ALA A 350 -9.83 0.74 23.09
N HIS A 351 -8.58 1.19 23.25
CA HIS A 351 -8.13 1.67 24.54
C HIS A 351 -8.93 2.87 24.99
N ARG A 352 -9.23 3.80 24.08
CA ARG A 352 -10.04 4.97 24.41
C ARG A 352 -11.44 4.57 24.90
N LEU A 353 -12.10 3.66 24.20
CA LEU A 353 -13.47 3.29 24.49
C LEU A 353 -13.64 2.39 25.69
N PHE A 354 -12.76 1.38 25.82
CA PHE A 354 -12.85 0.34 26.84
C PHE A 354 -11.88 0.44 27.98
N GLU A 355 -10.88 1.27 27.85
CA GLU A 355 -9.98 1.51 28.93
C GLU A 355 -10.11 2.95 29.40
N TYR A 356 -11.06 3.69 28.83
CA TYR A 356 -11.33 5.07 29.25
C TYR A 356 -10.10 5.98 29.14
N LYS A 357 -9.13 5.68 28.22
CA LYS A 357 -7.93 6.54 27.98
C LYS A 357 -8.36 7.59 26.94
N GLU A 358 -8.78 8.68 27.46
CA GLU A 358 -9.35 9.68 26.59
C GLU A 358 -8.39 10.35 25.56
N ASP A 359 -7.14 10.28 25.84
CA ASP A 359 -6.15 10.90 25.02
C ASP A 359 -5.60 9.88 24.04
N SER A 360 -6.20 8.71 24.04
CA SER A 360 -5.73 7.59 23.19
C SER A 360 -6.14 7.82 21.72
N LYS A 361 -5.11 8.04 20.88
CA LYS A 361 -5.33 8.23 19.47
C LYS A 361 -4.01 8.05 18.71
N LEU A 362 -4.11 7.83 17.37
CA LEU A 362 -2.93 7.61 16.54
C LEU A 362 -2.41 8.95 16.03
N ASP A 363 -1.12 9.11 16.12
CA ASP A 363 -0.41 10.23 15.55
C ASP A 363 -0.13 9.86 14.10
N TYR A 364 -0.69 10.60 13.16
CA TYR A 364 -0.51 10.30 11.74
C TYR A 364 0.81 10.87 11.18
N ASN A 365 1.64 11.47 12.00
CA ASN A 365 2.92 11.90 11.49
C ASN A 365 3.92 10.82 11.65
N ASN A 366 4.91 10.91 10.82
CA ASN A 366 6.01 9.98 10.90
C ASN A 366 5.62 8.49 10.71
N ILE A 367 4.66 8.20 9.87
CA ILE A 367 4.29 6.81 9.55
C ILE A 367 5.30 6.33 8.51
N PRO A 368 5.99 5.23 8.73
CA PRO A 368 6.95 4.78 7.76
C PRO A 368 6.25 3.93 6.66
N THR A 369 6.83 3.96 5.41
CA THR A 369 6.33 3.17 4.27
C THR A 369 7.45 2.51 3.56
N VAL A 370 7.18 1.29 3.08
CA VAL A 370 8.14 0.58 2.23
C VAL A 370 7.38 0.29 0.96
N VAL A 371 8.05 0.58 -0.17
CA VAL A 371 7.50 0.25 -1.49
C VAL A 371 8.37 -0.86 -2.03
N PHE A 372 7.74 -1.99 -2.36
CA PHE A 372 8.44 -3.18 -2.80
C PHE A 372 8.72 -3.15 -4.29
N SER A 373 9.57 -2.18 -4.64
CA SER A 373 10.07 -2.05 -5.98
C SER A 373 11.35 -2.86 -5.99
N HIS A 374 12.14 -2.69 -7.09
CA HIS A 374 13.41 -3.35 -7.20
C HIS A 374 14.44 -2.28 -7.51
N PRO A 375 15.31 -1.89 -6.58
CA PRO A 375 15.37 -2.30 -5.20
C PRO A 375 14.24 -1.62 -4.47
N PRO A 376 13.95 -2.06 -3.19
CA PRO A 376 12.85 -1.51 -2.47
C PRO A 376 13.10 -0.11 -1.98
N ILE A 377 12.06 0.60 -1.63
CA ILE A 377 12.10 1.98 -1.16
C ILE A 377 11.61 2.06 0.30
N GLY A 378 12.24 2.87 1.13
CA GLY A 378 11.79 3.10 2.48
C GLY A 378 11.71 4.57 2.69
N THR A 379 10.66 5.04 3.25
CA THR A 379 10.57 6.47 3.54
C THR A 379 9.83 6.71 4.89
N VAL A 380 10.22 7.77 5.65
CA VAL A 380 9.47 8.12 6.86
C VAL A 380 9.61 9.61 7.06
N GLY A 381 8.56 10.32 7.43
CA GLY A 381 8.73 11.76 7.67
C GLY A 381 8.55 12.63 6.44
N LEU A 382 9.05 13.85 6.50
CA LEU A 382 8.87 14.84 5.47
C LEU A 382 9.83 14.72 4.29
N THR A 383 9.30 15.05 3.08
CA THR A 383 10.16 15.13 1.90
C THR A 383 10.88 16.47 2.04
N GLU A 384 11.87 16.68 1.22
CA GLU A 384 12.62 17.90 1.27
C GLU A 384 11.71 19.13 1.08
N ASP A 385 10.81 19.03 0.17
CA ASP A 385 9.88 20.11 -0.11
C ASP A 385 8.96 20.41 1.02
N GLU A 386 8.45 19.34 1.65
CA GLU A 386 7.56 19.49 2.77
C GLU A 386 8.24 20.17 3.96
N ALA A 387 9.54 19.88 4.18
CA ALA A 387 10.26 20.46 5.29
C ALA A 387 10.48 21.93 4.95
N ILE A 388 10.76 22.14 3.67
CA ILE A 388 10.97 23.49 3.20
C ILE A 388 9.73 24.36 3.46
N HIS A 389 8.53 23.85 3.16
CA HIS A 389 7.28 24.56 3.47
C HIS A 389 7.00 24.60 4.97
N LYS A 390 7.55 23.72 5.81
CA LYS A 390 7.17 23.78 7.22
C LYS A 390 8.11 24.67 7.99
N TYR A 391 9.35 24.62 7.61
CA TYR A 391 10.34 25.35 8.37
C TYR A 391 10.99 26.52 7.66
N GLY A 392 10.91 26.56 6.35
CA GLY A 392 11.59 27.61 5.63
C GLY A 392 12.90 27.11 5.05
N ILE A 393 13.24 27.55 3.83
CA ILE A 393 14.51 27.14 3.22
C ILE A 393 15.70 27.44 4.06
N GLU A 394 15.63 28.47 4.82
CA GLU A 394 16.84 28.78 5.48
C GLU A 394 17.07 27.79 6.61
N ASN A 395 15.99 27.12 7.06
CA ASN A 395 16.08 26.21 8.23
C ASN A 395 16.14 24.72 7.89
N VAL A 396 16.39 24.39 6.64
CA VAL A 396 16.41 22.99 6.22
C VAL A 396 17.74 22.64 5.59
N LYS A 397 18.27 21.54 6.02
CA LYS A 397 19.52 21.10 5.53
C LYS A 397 19.38 19.57 5.22
N THR A 398 19.83 19.10 4.05
CA THR A 398 19.74 17.69 3.71
C THR A 398 21.10 17.12 3.54
N TYR A 399 21.17 15.82 3.72
CA TYR A 399 22.39 15.12 3.53
C TYR A 399 22.04 13.96 2.64
N SER A 400 22.87 13.61 1.69
CA SER A 400 22.50 12.45 0.83
C SER A 400 23.73 11.73 0.39
N THR A 401 23.56 10.52 -0.11
CA THR A 401 24.67 9.73 -0.61
C THR A 401 24.10 8.86 -1.71
N SER A 402 24.96 8.41 -2.60
CA SER A 402 24.53 7.53 -3.68
C SER A 402 25.70 6.58 -3.88
N PHE A 403 25.48 5.26 -3.94
CA PHE A 403 26.60 4.35 -4.07
C PHE A 403 26.08 3.05 -4.60
N THR A 404 27.01 2.23 -5.04
CA THR A 404 26.71 0.89 -5.53
C THR A 404 26.98 -0.12 -4.42
N PRO A 405 25.94 -0.82 -3.97
CA PRO A 405 26.16 -1.72 -2.88
C PRO A 405 27.22 -2.77 -3.24
N MET A 406 28.02 -3.12 -2.23
CA MET A 406 29.08 -4.11 -2.27
C MET A 406 28.64 -5.44 -2.91
N TYR A 407 27.33 -5.79 -2.81
CA TYR A 407 26.75 -6.98 -3.47
C TYR A 407 27.12 -6.98 -4.99
N HIS A 408 27.21 -5.80 -5.56
CA HIS A 408 27.41 -5.67 -6.98
C HIS A 408 28.83 -5.52 -7.36
N ALA A 409 29.70 -5.59 -6.42
CA ALA A 409 31.13 -5.43 -6.72
C ALA A 409 31.62 -6.43 -7.72
N VAL A 410 30.99 -7.58 -7.76
CA VAL A 410 31.41 -8.64 -8.62
C VAL A 410 30.35 -8.97 -9.68
N THR A 411 29.31 -8.14 -9.85
CA THR A 411 28.27 -8.46 -10.83
C THR A 411 28.31 -7.48 -12.05
N LYS A 412 27.80 -7.93 -13.22
CA LYS A 412 27.71 -7.11 -14.39
C LYS A 412 26.47 -6.27 -14.32
N ARG A 413 25.45 -6.81 -13.70
CA ARG A 413 24.19 -6.11 -13.45
C ARG A 413 24.42 -5.20 -12.24
N LYS A 414 23.85 -4.01 -12.26
CA LYS A 414 24.06 -3.09 -11.15
C LYS A 414 22.75 -2.42 -10.75
N THR A 415 22.69 -2.04 -9.47
CA THR A 415 21.60 -1.28 -8.93
C THR A 415 22.34 -0.30 -8.03
N LYS A 416 21.66 0.74 -7.72
CA LYS A 416 22.22 1.74 -6.90
C LYS A 416 21.52 1.82 -5.55
N CYS A 417 22.12 2.49 -4.61
CA CYS A 417 21.49 2.78 -3.34
C CYS A 417 21.58 4.29 -3.15
N VAL A 418 20.45 4.96 -2.90
CA VAL A 418 20.42 6.39 -2.66
C VAL A 418 19.80 6.59 -1.29
N MET A 419 20.34 7.49 -0.51
CA MET A 419 19.80 7.78 0.81
C MET A 419 19.78 9.30 1.01
N LYS A 420 18.75 9.83 1.67
CA LYS A 420 18.68 11.24 1.93
C LYS A 420 18.14 11.46 3.27
N MET A 421 18.76 12.36 4.01
CA MET A 421 18.31 12.71 5.32
C MET A 421 17.92 14.19 5.28
N VAL A 422 16.73 14.51 5.74
CA VAL A 422 16.20 15.89 5.80
C VAL A 422 16.27 16.35 7.25
N CYS A 423 17.11 17.35 7.60
CA CYS A 423 17.21 17.92 8.99
C CYS A 423 16.58 19.33 9.06
N ALA A 424 16.12 19.71 10.20
CA ALA A 424 15.49 21.04 10.41
C ALA A 424 16.12 21.72 11.62
N ASN A 425 16.15 23.07 11.58
CA ASN A 425 16.66 23.89 12.67
C ASN A 425 18.14 23.64 12.92
N LYS A 426 18.73 24.39 13.85
CA LYS A 426 20.18 24.38 14.11
C LYS A 426 20.71 23.07 14.74
N GLU A 427 19.82 22.51 15.45
CA GLU A 427 19.94 21.27 16.13
C GLU A 427 19.95 20.14 15.07
N GLU A 428 19.45 20.37 13.85
CA GLU A 428 19.41 19.32 12.80
C GLU A 428 18.60 18.14 13.22
N LYS A 429 17.41 18.44 13.60
CA LYS A 429 16.48 17.44 13.94
C LYS A 429 16.18 16.61 12.70
N VAL A 430 16.17 15.29 12.82
CA VAL A 430 15.91 14.48 11.62
C VAL A 430 14.43 14.44 11.34
N VAL A 431 13.92 15.12 10.30
CA VAL A 431 12.47 15.12 10.04
C VAL A 431 12.05 14.25 8.85
N GLY A 432 13.04 13.68 8.10
CA GLY A 432 12.69 12.82 6.98
C GLY A 432 13.88 11.95 6.61
N ILE A 433 13.61 10.66 6.27
CA ILE A 433 14.61 9.73 5.79
C ILE A 433 14.01 9.07 4.57
N HIS A 434 14.77 9.05 3.44
CA HIS A 434 14.27 8.54 2.16
C HIS A 434 15.34 7.70 1.56
N MET A 435 15.03 6.49 1.12
CA MET A 435 16.10 5.70 0.55
C MET A 435 15.57 4.72 -0.39
N GLN A 436 16.42 4.25 -1.25
CA GLN A 436 16.10 3.17 -2.18
C GLN A 436 17.30 2.31 -2.33
N GLY A 437 17.19 1.00 -2.26
CA GLY A 437 18.38 0.18 -2.37
C GLY A 437 18.18 -1.23 -1.80
N LEU A 438 19.10 -2.13 -2.12
CA LEU A 438 19.05 -3.52 -1.57
C LEU A 438 19.05 -3.46 -0.04
N GLY A 439 18.09 -4.16 0.58
CA GLY A 439 18.04 -4.22 2.02
C GLY A 439 17.21 -3.10 2.66
N CYS A 440 16.81 -2.09 1.89
CA CYS A 440 16.07 -0.98 2.46
C CYS A 440 14.74 -1.38 3.04
N ASP A 441 14.16 -2.50 2.63
CA ASP A 441 12.83 -2.97 3.20
C ASP A 441 12.93 -3.29 4.74
N GLU A 442 14.09 -3.87 5.13
CA GLU A 442 14.31 -4.30 6.52
C GLU A 442 15.04 -3.28 7.33
N MET A 443 15.56 -2.26 6.66
CA MET A 443 16.41 -1.25 7.31
C MET A 443 15.63 -0.13 7.97
N LEU A 444 14.49 0.15 7.44
CA LEU A 444 13.70 1.29 7.86
C LEU A 444 13.13 1.27 9.25
N GLN A 445 12.59 0.15 9.68
CA GLN A 445 11.91 0.12 10.98
C GLN A 445 12.62 0.80 12.17
N GLY A 446 13.86 0.49 12.43
CA GLY A 446 14.50 1.08 13.58
C GLY A 446 14.78 2.57 13.39
N PHE A 447 15.10 3.01 12.16
CA PHE A 447 15.30 4.47 12.00
C PHE A 447 13.96 5.21 12.22
N ALA A 448 12.81 4.52 11.90
CA ALA A 448 11.48 5.07 12.13
C ALA A 448 11.27 5.29 13.62
N VAL A 449 11.83 4.38 14.44
CA VAL A 449 11.75 4.51 15.90
C VAL A 449 12.50 5.78 16.32
N ALA A 450 13.75 5.96 15.79
CA ALA A 450 14.61 7.07 16.13
C ALA A 450 13.94 8.37 15.69
N VAL A 451 13.34 8.36 14.51
CA VAL A 451 12.71 9.57 13.99
C VAL A 451 11.51 9.97 14.89
N LYS A 452 10.72 8.97 15.28
CA LYS A 452 9.57 9.14 16.16
C LYS A 452 9.98 9.75 17.51
N MET A 453 11.15 9.39 18.01
CA MET A 453 11.67 9.85 19.25
C MET A 453 12.28 11.25 19.18
N GLY A 454 12.43 11.79 17.99
CA GLY A 454 12.98 13.12 17.86
C GLY A 454 14.49 13.16 17.74
N ALA A 455 15.09 12.20 17.09
CA ALA A 455 16.50 12.21 17.00
C ALA A 455 17.00 13.37 16.16
N THR A 456 18.19 13.78 16.46
CA THR A 456 18.90 14.77 15.70
C THR A 456 19.98 14.05 14.97
N LYS A 457 20.66 14.78 14.11
CA LYS A 457 21.72 14.20 13.37
C LYS A 457 22.88 13.78 14.25
N ALA A 458 23.14 14.48 15.38
CA ALA A 458 24.22 14.07 16.31
C ALA A 458 23.92 12.64 16.90
N ASP A 459 22.61 12.38 17.13
CA ASP A 459 22.24 11.09 17.66
C ASP A 459 22.64 10.00 16.65
N PHE A 460 22.35 10.25 15.35
CA PHE A 460 22.78 9.27 14.35
C PHE A 460 24.27 9.16 14.32
N ASP A 461 24.94 10.28 14.24
CA ASP A 461 26.37 10.30 14.11
C ASP A 461 27.13 9.67 15.28
N ASN A 462 26.51 9.73 16.45
CA ASN A 462 27.12 9.17 17.65
C ASN A 462 26.83 7.71 17.86
N THR A 463 26.19 7.08 16.87
CA THR A 463 25.89 5.64 16.92
C THR A 463 26.96 4.94 16.09
N VAL A 464 27.66 3.99 16.68
CA VAL A 464 28.72 3.30 16.01
C VAL A 464 28.12 2.48 14.85
N ALA A 465 28.81 2.52 13.70
CA ALA A 465 28.38 1.86 12.49
C ALA A 465 28.56 0.34 12.59
N ILE A 466 27.81 -0.34 11.73
CA ILE A 466 27.89 -1.79 11.54
C ILE A 466 28.48 -1.98 10.14
N HIS A 467 29.65 -2.60 10.04
CA HIS A 467 30.35 -2.74 8.79
C HIS A 467 30.64 -4.20 8.52
N PRO A 468 30.52 -4.63 7.27
CA PRO A 468 30.10 -3.82 6.11
C PRO A 468 28.61 -4.03 5.83
N THR A 469 27.84 -2.96 5.82
CA THR A 469 26.42 -3.03 5.49
C THR A 469 26.11 -1.77 4.68
N SER A 470 24.89 -1.69 4.14
CA SER A 470 24.37 -0.50 3.47
C SER A 470 23.89 0.44 4.54
N SER A 471 23.30 -0.12 5.61
CA SER A 471 22.69 0.67 6.70
C SER A 471 23.68 1.63 7.38
N GLU A 472 24.93 1.26 7.41
CA GLU A 472 25.93 2.12 8.05
C GLU A 472 26.06 3.51 7.37
N GLU A 473 25.68 3.64 6.12
CA GLU A 473 25.78 4.93 5.40
C GLU A 473 24.95 5.99 6.07
N LEU A 474 23.86 5.58 6.68
CA LEU A 474 22.98 6.53 7.28
C LEU A 474 23.55 7.13 8.52
N VAL A 475 24.51 6.47 9.17
CA VAL A 475 25.05 7.02 10.39
C VAL A 475 26.38 7.66 10.11
N THR A 476 26.82 7.71 8.83
CA THR A 476 28.13 8.29 8.47
C THR A 476 28.01 9.36 7.38
N LEU A 477 26.86 10.04 7.30
CA LEU A 477 26.61 11.10 6.31
C LEU A 477 27.34 12.35 6.72
N ARG A 478 27.92 13.02 5.73
CA ARG A 478 28.61 14.28 5.94
C ARG A 478 28.32 15.20 4.76
P PO4 B . 0.45 11.11 -11.10
O1 PO4 B . -0.20 12.45 -10.94
O2 PO4 B . 0.81 10.73 -12.52
O3 PO4 B . 1.75 11.24 -10.39
O4 PO4 B . -0.43 10.06 -10.50
PA FAD C . -9.75 -4.02 4.67
O1A FAD C . -10.15 -3.87 3.25
O2A FAD C . -8.69 -4.77 5.03
O5B FAD C . -10.99 -4.78 5.14
C5B FAD C . -12.36 -4.31 4.94
C4B FAD C . -13.22 -5.58 5.15
O4B FAD C . -14.63 -5.16 5.29
C3B FAD C . -13.21 -6.65 4.05
O3B FAD C . -12.85 -7.93 4.43
C2B FAD C . -14.57 -6.48 3.39
O2B FAD C . -14.97 -7.68 2.80
C1B FAD C . -15.41 -6.19 4.59
N9A FAD C . -16.65 -5.47 4.33
C8A FAD C . -16.77 -4.31 3.60
N7A FAD C . -18.00 -3.82 3.62
C5A FAD C . -18.71 -4.67 4.44
C6A FAD C . -20.11 -4.65 4.86
N6A FAD C . -20.98 -3.75 4.50
N1A FAD C . -20.46 -5.69 5.67
C2A FAD C . -19.58 -6.64 6.06
N3A FAD C . -18.28 -6.73 5.73
C4A FAD C . -17.89 -5.71 4.92
N1 FAD C . -0.56 -2.12 3.09
C2 FAD C . 0.58 -2.32 3.74
O2 FAD C . 0.77 -1.85 4.82
N3 FAD C . 1.66 -3.05 3.18
C4 FAD C . 1.58 -3.59 1.95
O4 FAD C . 2.50 -4.25 1.51
C4X FAD C . 0.34 -3.38 1.23
N5 FAD C . 0.22 -3.86 -0.01
C5X FAD C . -0.97 -3.66 -0.64
C6 FAD C . -1.13 -4.22 -1.90
C7 FAD C . -2.29 -4.12 -2.58
C7M FAD C . -2.43 -4.71 -3.96
C8 FAD C . -3.41 -3.44 -1.99
C8M FAD C . -4.72 -3.32 -2.71
C9 FAD C . -3.27 -2.88 -0.73
C9A FAD C . -2.06 -2.99 -0.06
N10 FAD C . -1.87 -2.43 1.21
C10 FAD C . -0.71 -2.62 1.86
C1' FAD C . -2.97 -1.66 1.82
C2' FAD C . -3.71 -2.49 2.90
O2' FAD C . -4.17 -3.68 2.27
C3' FAD C . -4.90 -1.66 3.36
O3' FAD C . -4.40 -0.43 3.88
C4' FAD C . -5.62 -2.38 4.50
O4' FAD C . -6.14 -3.65 4.05
C5' FAD C . -6.74 -1.46 5.00
O5' FAD C . -7.53 -2.20 6.19
P FAD C . -9.01 -1.91 6.43
O1P FAD C . -9.22 -2.53 7.85
O2P FAD C . -9.38 -0.59 6.31
O3P FAD C . -9.80 -2.61 5.40
#